data_3N6O
#
_entry.id   3N6O
#
_cell.length_a   74.962
_cell.length_b   75.375
_cell.length_c   130.965
_cell.angle_alpha   90.00
_cell.angle_beta   90.00
_cell.angle_gamma   90.00
#
_symmetry.space_group_name_H-M   'P 21 21 21'
#
loop_
_entity.id
_entity.type
_entity.pdbx_description
1 polymer 'guanine nucleotide exchange factor'
2 non-polymer 'SULFATE ION'
3 water water
#
_entity_poly.entity_id   1
_entity_poly.type   'polypeptide(L)'
_entity_poly.pdbx_seq_one_letter_code
;GHMVTRIENLENAKKLWDNANSMLEKGNISGYLKAANELHKFMKEKNLKEDDLRPELSDKTISPKGYAILQSLWGAASDY
SRAAATLTESTVEPGLVSAVNKMSAFFMDCKLSPNERATPDPDFKVGKSKILVGIMQFIKDVADPTSKIWMHNTKALMNH
KIAAIQKLERSNNVNDETLESVLSSKGENLSEYLSYKYATKDEGREHRYTASTENFKNVKEKYQQMRGDALKTEILADFK
DKLAEATDEQSLKQIVAELKSKDEYRILAKGQGLTTQLLGLKTSSVSSFEKMVEETRESIKSQERQTIKIK
;
_entity_poly.pdbx_strand_id   A,B
#
loop_
_chem_comp.id
_chem_comp.type
_chem_comp.name
_chem_comp.formula
SO4 non-polymer 'SULFATE ION' 'O4 S -2'
#
# COMPACT_ATOMS: atom_id res chain seq x y z
N GLY A 1 2.13 -2.72 55.03
CA GLY A 1 1.82 -2.63 53.59
C GLY A 1 0.44 -2.42 54.02
N HIS A 2 -0.50 -2.18 53.09
CA HIS A 2 -1.31 -0.97 53.16
C HIS A 2 -2.53 -0.89 52.23
N MET A 3 -3.56 -0.19 52.69
CA MET A 3 -4.85 -0.16 52.05
C MET A 3 -5.34 1.28 51.82
N VAL A 4 -6.16 1.50 50.80
CA VAL A 4 -6.73 2.84 50.54
C VAL A 4 -8.23 2.76 50.37
N THR A 5 -9.00 3.72 50.85
CA THR A 5 -10.46 3.61 50.72
C THR A 5 -10.91 3.75 49.26
N ARG A 6 -12.15 3.41 48.99
CA ARG A 6 -12.72 3.68 47.68
C ARG A 6 -12.88 5.21 47.48
N ILE A 7 -13.36 5.92 48.49
CA ILE A 7 -13.47 7.36 48.45
C ILE A 7 -12.16 7.96 47.97
N GLU A 8 -11.07 7.54 48.65
CA GLU A 8 -9.77 8.09 48.40
C GLU A 8 -9.27 7.79 46.98
N ASN A 9 -9.52 6.58 46.49
CA ASN A 9 -9.15 6.25 45.12
C ASN A 9 -9.98 7.02 44.10
N LEU A 10 -11.27 7.21 44.37
CA LEU A 10 -12.12 8.03 43.50
C LEU A 10 -11.65 9.49 43.44
N GLU A 11 -11.21 10.02 44.56
CA GLU A 11 -10.73 11.38 44.62
C GLU A 11 -9.45 11.48 43.77
N ASN A 12 -8.61 10.45 43.76
CA ASN A 12 -7.44 10.55 42.95
C ASN A 12 -7.77 10.31 41.46
N ALA A 13 -8.78 9.51 41.17
CA ALA A 13 -9.20 9.32 39.77
C ALA A 13 -9.79 10.63 39.27
N LYS A 14 -10.50 11.34 40.13
CA LYS A 14 -11.08 12.62 39.76
C LYS A 14 -9.97 13.54 39.39
N LYS A 15 -8.89 13.57 40.18
CA LYS A 15 -7.74 14.42 39.80
C LYS A 15 -7.12 13.96 38.47
N LEU A 16 -7.02 12.65 38.24
CA LEU A 16 -6.36 12.23 37.03
C LEU A 16 -7.21 12.64 35.85
N TRP A 17 -8.52 12.56 36.01
CA TRP A 17 -9.40 12.92 34.93
C TRP A 17 -9.29 14.42 34.67
N ASP A 18 -9.37 15.24 35.69
CA ASP A 18 -9.16 16.68 35.54
C ASP A 18 -7.89 17.03 34.80
N ASN A 19 -6.80 16.38 35.12
CA ASN A 19 -5.53 16.61 34.42
C ASN A 19 -5.71 16.32 32.95
N ALA A 20 -6.48 15.28 32.59
CA ALA A 20 -6.65 14.94 31.19
C ALA A 20 -7.43 16.03 30.50
N ASN A 21 -8.53 16.44 31.13
CA ASN A 21 -9.43 17.48 30.59
C ASN A 21 -8.69 18.79 30.43
N SER A 22 -7.78 19.06 31.34
CA SER A 22 -7.01 20.25 31.31
C SER A 22 -6.05 20.21 30.11
N MET A 23 -5.44 19.06 29.88
CA MET A 23 -4.60 18.92 28.71
C MET A 23 -5.48 19.05 27.47
N LEU A 24 -6.66 18.42 27.49
CA LEU A 24 -7.57 18.51 26.36
C LEU A 24 -7.84 19.97 26.02
N GLU A 25 -8.22 20.74 27.04
CA GLU A 25 -8.60 22.13 26.90
C GLU A 25 -7.49 22.98 26.26
N LYS A 26 -6.24 22.73 26.63
CA LYS A 26 -5.04 23.43 26.07
C LYS A 26 -4.66 22.95 24.68
N GLY A 27 -5.31 21.92 24.19
CA GLY A 27 -4.97 21.37 22.87
C GLY A 27 -3.67 20.62 22.81
N ASN A 28 -3.19 20.13 23.95
CA ASN A 28 -2.01 19.27 23.98
C ASN A 28 -2.44 17.80 23.80
N ILE A 29 -2.36 17.34 22.57
CA ILE A 29 -2.91 16.06 22.21
C ILE A 29 -2.21 14.90 22.85
N SER A 30 -0.89 14.85 22.77
CA SER A 30 -0.17 13.74 23.35
C SER A 30 -0.27 13.80 24.84
N GLY A 31 -0.26 15.01 25.40
CA GLY A 31 -0.42 15.18 26.85
C GLY A 31 -1.76 14.67 27.33
N TYR A 32 -2.81 14.92 26.55
CA TYR A 32 -4.18 14.47 26.88
C TYR A 32 -4.25 12.96 26.85
N LEU A 33 -3.72 12.34 25.79
CA LEU A 33 -3.74 10.87 25.69
C LEU A 33 -2.96 10.26 26.82
N LYS A 34 -1.78 10.78 27.10
CA LYS A 34 -0.98 10.26 28.18
C LYS A 34 -1.73 10.39 29.47
N ALA A 35 -2.35 11.55 29.71
CA ALA A 35 -3.08 11.78 30.95
C ALA A 35 -4.31 10.83 31.00
N ALA A 36 -4.93 10.57 29.85
CA ALA A 36 -6.01 9.59 29.80
C ALA A 36 -5.47 8.21 30.15
N ASN A 37 -4.32 7.89 29.59
CA ASN A 37 -3.68 6.62 29.88
C ASN A 37 -3.38 6.42 31.34
N GLU A 38 -2.89 7.45 32.02
CA GLU A 38 -2.63 7.31 33.45
C GLU A 38 -3.90 7.09 34.26
N LEU A 39 -4.98 7.77 33.88
CA LEU A 39 -6.27 7.62 34.54
C LEU A 39 -6.70 6.15 34.43
N HIS A 40 -6.60 5.61 33.21
CA HIS A 40 -6.98 4.23 32.97
C HIS A 40 -6.10 3.26 33.75
N LYS A 41 -4.80 3.49 33.75
CA LYS A 41 -3.91 2.63 34.51
C LYS A 41 -4.28 2.66 35.97
N PHE A 42 -4.51 3.84 36.52
CA PHE A 42 -4.81 3.95 37.97
C PHE A 42 -6.12 3.28 38.29
N MET A 43 -7.12 3.51 37.46
CA MET A 43 -8.44 2.97 37.71
C MET A 43 -8.44 1.42 37.60
N LYS A 44 -7.70 0.89 36.65
CA LYS A 44 -7.61 -0.56 36.51
C LYS A 44 -6.96 -1.16 37.75
N GLU A 45 -5.87 -0.56 38.22
CA GLU A 45 -5.20 -1.05 39.40
C GLU A 45 -6.09 -0.98 40.65
N LYS A 46 -6.95 0.01 40.80
CA LYS A 46 -7.91 0.02 41.94
C LYS A 46 -9.25 -0.59 41.70
N ASN A 47 -9.38 -1.34 40.64
CA ASN A 47 -10.65 -1.99 40.35
C ASN A 47 -11.82 -1.01 40.28
N LEU A 48 -11.58 0.18 39.72
CA LEU A 48 -12.60 1.23 39.57
C LEU A 48 -13.11 1.24 38.14
N LYS A 49 -14.38 1.51 37.94
CA LYS A 49 -14.93 1.51 36.58
C LYS A 49 -15.43 2.87 36.19
N GLU A 50 -15.65 3.08 34.91
CA GLU A 50 -16.11 4.35 34.46
C GLU A 50 -17.39 4.78 35.20
N ASP A 51 -18.30 3.86 35.47
CA ASP A 51 -19.50 4.31 36.12
C ASP A 51 -19.31 4.60 37.60
N ASP A 52 -18.20 4.13 38.17
CA ASP A 52 -17.86 4.53 39.54
C ASP A 52 -17.47 6.00 39.57
N LEU A 53 -16.75 6.43 38.53
CA LEU A 53 -16.20 7.76 38.52
C LEU A 53 -17.17 8.80 37.98
N ARG A 54 -18.11 8.37 37.16
CA ARG A 54 -19.00 9.32 36.50
C ARG A 54 -19.77 10.28 37.39
N PRO A 55 -20.47 9.81 38.43
CA PRO A 55 -21.23 10.73 39.32
C PRO A 55 -20.35 11.78 39.98
N GLU A 56 -19.09 11.42 40.24
CA GLU A 56 -18.15 12.31 40.86
C GLU A 56 -17.68 13.39 39.90
N LEU A 57 -18.02 13.30 38.62
CA LEU A 57 -17.55 14.29 37.67
C LEU A 57 -18.67 15.24 37.37
N SER A 58 -19.71 15.17 38.18
CA SER A 58 -20.92 15.98 37.91
C SER A 58 -20.65 17.49 37.88
N ASP A 59 -19.64 17.95 38.63
CA ASP A 59 -19.26 19.35 38.67
C ASP A 59 -18.18 19.67 37.66
N LYS A 60 -17.88 18.76 36.76
CA LYS A 60 -16.86 19.01 35.77
C LYS A 60 -17.46 18.93 34.39
N THR A 61 -16.81 19.58 33.45
CA THR A 61 -17.36 19.67 32.12
C THR A 61 -16.32 19.44 31.08
N ILE A 62 -16.66 18.71 30.03
CA ILE A 62 -15.88 18.81 28.81
C ILE A 62 -16.46 19.99 28.04
N SER A 63 -15.64 21.00 27.79
CA SER A 63 -16.10 22.18 27.04
C SER A 63 -16.48 21.86 25.59
N PRO A 64 -17.22 22.78 24.96
CA PRO A 64 -17.41 22.61 23.50
C PRO A 64 -16.10 22.50 22.74
N LYS A 65 -15.13 23.32 23.08
CA LYS A 65 -13.83 23.26 22.44
C LYS A 65 -13.27 21.85 22.64
N GLY A 66 -13.47 21.33 23.84
CA GLY A 66 -12.94 20.03 24.20
C GLY A 66 -13.54 18.94 23.36
N TYR A 67 -14.85 18.96 23.20
CA TYR A 67 -15.49 17.97 22.35
C TYR A 67 -15.09 18.11 20.91
N ALA A 68 -14.73 19.31 20.48
CA ALA A 68 -14.32 19.51 19.08
C ALA A 68 -12.98 18.85 18.85
N ILE A 69 -12.05 19.05 19.76
CA ILE A 69 -10.77 18.38 19.69
C ILE A 69 -10.97 16.86 19.70
N LEU A 70 -11.88 16.38 20.54
CA LEU A 70 -12.06 14.94 20.66
C LEU A 70 -12.68 14.37 19.38
N GLN A 71 -13.58 15.14 18.77
CA GLN A 71 -14.13 14.74 17.46
C GLN A 71 -13.05 14.71 16.37
N SER A 72 -12.18 15.71 16.32
CA SER A 72 -11.08 15.69 15.36
C SER A 72 -10.12 14.54 15.59
N LEU A 73 -9.84 14.26 16.86
CA LEU A 73 -9.00 13.15 17.25
C LEU A 73 -9.60 11.85 16.75
N TRP A 74 -10.90 11.68 17.01
CA TRP A 74 -11.64 10.50 16.56
C TRP A 74 -11.55 10.32 15.06
N GLY A 75 -11.76 11.40 14.33
CA GLY A 75 -11.70 11.35 12.88
C GLY A 75 -10.32 11.02 12.38
N ALA A 76 -9.31 11.71 12.90
CA ALA A 76 -7.93 11.50 12.47
C ALA A 76 -7.52 10.06 12.75
N ALA A 77 -7.92 9.54 13.91
CA ALA A 77 -7.59 8.19 14.26
C ALA A 77 -8.26 7.18 13.34
N SER A 78 -9.54 7.34 13.04
CA SER A 78 -10.20 6.40 12.13
C SER A 78 -9.55 6.34 10.78
N ASP A 79 -9.31 7.53 10.21
CA ASP A 79 -8.64 7.66 8.96
C ASP A 79 -7.24 7.07 8.99
N TYR A 80 -6.49 7.32 10.06
CA TYR A 80 -5.10 6.84 10.15
C TYR A 80 -5.13 5.29 10.21
N SER A 81 -6.09 4.78 10.96
CA SER A 81 -6.27 3.38 11.11
C SER A 81 -6.50 2.69 9.77
N ARG A 82 -7.27 3.32 8.90
CA ARG A 82 -7.54 2.81 7.55
C ARG A 82 -6.28 2.95 6.67
N ALA A 83 -5.68 4.13 6.68
CA ALA A 83 -4.49 4.39 5.90
C ALA A 83 -3.36 3.43 6.27
N ALA A 84 -3.22 3.09 7.56
CA ALA A 84 -2.15 2.18 8.02
C ALA A 84 -2.36 0.69 7.64
N ALA A 85 -3.54 0.37 7.14
CA ALA A 85 -3.86 -0.98 6.68
C ALA A 85 -3.38 -1.18 5.22
N THR A 86 -2.29 -1.86 5.03
CA THR A 86 -1.57 -1.81 3.76
C THR A 86 -1.21 -3.22 3.30
N LEU A 87 -0.81 -3.39 2.03
CA LEU A 87 -0.28 -4.67 1.51
C LEU A 87 0.96 -5.19 2.28
N THR A 88 1.78 -4.27 2.78
CA THR A 88 2.98 -4.60 3.55
C THR A 88 2.59 -5.12 4.96
N GLU A 89 1.61 -4.50 5.60
CA GLU A 89 1.25 -4.85 6.98
C GLU A 89 -0.09 -4.18 7.32
N SER A 90 -0.94 -4.88 8.06
CA SER A 90 -2.26 -4.34 8.39
C SER A 90 -2.82 -4.76 9.76
N THR A 91 -1.97 -5.16 10.69
CA THR A 91 -2.44 -5.62 11.96
C THR A 91 -2.01 -4.73 13.08
N VAL A 92 -0.72 -4.47 13.14
CA VAL A 92 -0.16 -3.78 14.29
C VAL A 92 -0.44 -2.30 14.27
N GLU A 93 -0.08 -1.60 13.19
CA GLU A 93 -0.26 -0.16 13.21
C GLU A 93 -1.74 0.19 13.32
N PRO A 94 -2.59 -0.49 12.56
CA PRO A 94 -4.01 -0.17 12.69
C PRO A 94 -4.49 -0.50 14.09
N GLY A 95 -4.06 -1.63 14.65
CA GLY A 95 -4.46 -1.98 15.99
C GLY A 95 -4.06 -0.88 16.98
N LEU A 96 -2.86 -0.34 16.81
CA LEU A 96 -2.36 0.68 17.73
C LEU A 96 -3.15 1.98 17.62
N VAL A 97 -3.46 2.43 16.42
CA VAL A 97 -4.17 3.67 16.21
C VAL A 97 -5.64 3.52 16.67
N SER A 98 -6.23 2.38 16.40
CA SER A 98 -7.63 2.19 16.84
C SER A 98 -7.70 2.13 18.40
N ALA A 99 -6.64 1.65 19.05
CA ALA A 99 -6.56 1.65 20.48
C ALA A 99 -6.40 3.06 21.07
N VAL A 100 -5.81 3.97 20.30
CA VAL A 100 -5.72 5.36 20.75
C VAL A 100 -7.13 5.90 20.80
N ASN A 101 -7.92 5.58 19.78
CA ASN A 101 -9.34 5.88 19.82
C ASN A 101 -10.07 5.34 21.05
N LYS A 102 -9.83 4.06 21.36
CA LYS A 102 -10.44 3.44 22.53
C LYS A 102 -9.99 4.12 23.83
N MET A 103 -8.80 4.69 23.85
CA MET A 103 -8.33 5.36 25.06
C MET A 103 -9.05 6.69 25.23
N SER A 104 -9.16 7.45 24.16
CA SER A 104 -9.96 8.66 24.21
C SER A 104 -11.42 8.35 24.62
N ALA A 105 -12.00 7.32 24.03
CA ALA A 105 -13.37 6.92 24.35
C ALA A 105 -13.50 6.64 25.84
N PHE A 106 -12.44 6.08 26.43
CA PHE A 106 -12.46 5.78 27.84
C PHE A 106 -12.56 7.06 28.65
N PHE A 107 -11.77 8.08 28.28
CA PHE A 107 -11.86 9.37 28.94
C PHE A 107 -13.26 9.95 28.84
N MET A 108 -13.90 9.76 27.69
CA MET A 108 -15.20 10.35 27.47
C MET A 108 -16.23 9.59 28.27
N ASP A 109 -16.09 8.26 28.30
CA ASP A 109 -17.03 7.40 29.02
C ASP A 109 -16.99 7.61 30.54
N CYS A 110 -15.91 8.14 31.07
CA CYS A 110 -15.92 8.49 32.48
C CYS A 110 -16.88 9.61 32.78
N LYS A 111 -17.13 10.47 31.81
CA LYS A 111 -17.97 11.65 32.02
C LYS A 111 -19.40 11.45 31.50
N LEU A 112 -19.54 10.68 30.44
CA LEU A 112 -20.81 10.60 29.70
C LEU A 112 -21.41 9.21 29.82
N SER A 113 -22.71 9.13 30.01
CA SER A 113 -23.46 7.82 29.94
C SER A 113 -23.39 7.23 28.54
N PRO A 114 -23.69 5.94 28.40
CA PRO A 114 -23.38 5.23 27.15
C PRO A 114 -23.93 5.84 25.84
N ASN A 115 -25.10 6.46 25.86
CA ASN A 115 -25.54 7.10 24.61
C ASN A 115 -25.51 8.64 24.53
N GLU A 116 -25.02 9.34 25.56
CA GLU A 116 -25.06 10.81 25.57
C GLU A 116 -24.21 11.31 24.44
N ARG A 117 -24.65 12.41 23.87
CA ARG A 117 -24.10 12.91 22.63
C ARG A 117 -23.00 13.88 23.05
N ALA A 118 -21.85 13.83 22.36
CA ALA A 118 -20.86 14.91 22.48
C ALA A 118 -21.42 16.18 21.83
N THR A 119 -21.03 17.35 22.33
CA THR A 119 -21.58 18.62 21.84
C THR A 119 -20.42 19.50 21.39
N PRO A 120 -19.74 19.10 20.30
CA PRO A 120 -18.64 19.85 19.76
C PRO A 120 -18.98 21.21 19.17
N ASP A 121 -18.23 22.21 19.59
CA ASP A 121 -18.24 23.52 18.95
C ASP A 121 -17.99 23.31 17.46
N PRO A 122 -18.99 23.67 16.63
CA PRO A 122 -18.76 23.48 15.19
C PRO A 122 -17.73 24.43 14.59
N ASP A 123 -17.42 25.55 15.25
CA ASP A 123 -16.48 26.54 14.68
C ASP A 123 -15.03 26.23 15.02
N PHE A 124 -14.79 25.37 16.01
CA PHE A 124 -13.43 25.19 16.45
C PHE A 124 -12.67 24.20 15.58
N LYS A 125 -11.57 24.69 15.02
CA LYS A 125 -10.78 23.97 14.05
C LYS A 125 -9.50 23.53 14.71
N VAL A 126 -9.00 22.38 14.32
CA VAL A 126 -7.72 21.96 14.85
C VAL A 126 -7.00 21.25 13.74
N GLY A 127 -5.76 21.63 13.52
CA GLY A 127 -5.01 21.10 12.39
C GLY A 127 -4.87 19.60 12.46
N LYS A 128 -5.12 18.95 11.34
CA LYS A 128 -4.93 17.54 11.19
C LYS A 128 -3.51 17.09 11.58
N SER A 129 -2.49 17.82 11.15
CA SER A 129 -1.10 17.37 11.40
C SER A 129 -0.68 17.39 12.89
N LYS A 130 -1.15 18.36 13.66
CA LYS A 130 -0.90 18.42 15.09
C LYS A 130 -1.55 17.21 15.77
N ILE A 131 -2.76 16.85 15.34
CA ILE A 131 -3.41 15.66 15.87
C ILE A 131 -2.62 14.40 15.56
N LEU A 132 -2.16 14.24 14.34
CA LEU A 132 -1.52 13.00 13.94
C LEU A 132 -0.22 12.85 14.67
N VAL A 133 0.52 13.94 14.82
CA VAL A 133 1.76 13.88 15.56
C VAL A 133 1.46 13.44 17.01
N GLY A 134 0.42 13.98 17.60
CA GLY A 134 0.06 13.63 18.96
C GLY A 134 -0.24 12.15 19.12
N ILE A 135 -0.98 11.62 18.17
CA ILE A 135 -1.31 10.22 18.15
C ILE A 135 -0.05 9.43 18.12
N MET A 136 0.84 9.79 17.22
CA MET A 136 2.07 9.02 17.01
C MET A 136 2.95 9.15 18.24
N GLN A 137 2.97 10.32 18.88
CA GLN A 137 3.77 10.46 20.08
C GLN A 137 3.25 9.59 21.20
N PHE A 138 1.95 9.49 21.32
CA PHE A 138 1.39 8.67 22.33
C PHE A 138 1.67 7.20 22.06
N ILE A 139 1.58 6.78 20.81
CA ILE A 139 1.80 5.38 20.48
C ILE A 139 3.24 5.05 20.79
N LYS A 140 4.15 5.97 20.43
CA LYS A 140 5.58 5.80 20.72
C LYS A 140 5.83 5.68 22.21
N ASP A 141 5.12 6.45 23.03
CA ASP A 141 5.31 6.36 24.46
C ASP A 141 4.87 5.03 25.06
N VAL A 142 3.82 4.46 24.52
CA VAL A 142 3.05 3.42 25.19
C VAL A 142 3.31 2.03 24.62
N ALA A 143 3.76 1.94 23.38
CA ALA A 143 4.09 0.66 22.75
C ALA A 143 5.32 0.04 23.41
N ASP A 144 5.23 -1.27 23.61
CA ASP A 144 6.31 -2.04 24.17
C ASP A 144 7.60 -1.85 23.38
N PRO A 145 8.74 -1.75 24.08
CA PRO A 145 10.04 -1.67 23.41
C PRO A 145 10.25 -2.74 22.32
N THR A 146 9.60 -3.91 22.47
CA THR A 146 9.76 -4.97 21.44
C THR A 146 8.68 -4.98 20.35
N SER A 147 7.76 -4.02 20.38
CA SER A 147 6.69 -3.97 19.38
C SER A 147 7.33 -3.62 18.07
N LYS A 148 6.83 -4.26 17.00
CA LYS A 148 7.30 -4.11 15.63
C LYS A 148 6.10 -3.89 14.67
N ILE A 149 6.26 -2.93 13.76
CA ILE A 149 5.36 -2.73 12.65
C ILE A 149 6.13 -3.17 11.47
N TRP A 150 5.65 -4.25 10.84
CA TRP A 150 6.34 -4.92 9.74
C TRP A 150 7.72 -5.28 10.25
N MET A 151 8.76 -4.89 9.56
CA MET A 151 10.11 -5.26 9.94
C MET A 151 10.80 -4.23 10.78
N HIS A 152 10.08 -3.22 11.26
CA HIS A 152 10.71 -2.13 11.99
C HIS A 152 10.12 -1.94 13.39
N ASN A 153 10.98 -1.64 14.33
CA ASN A 153 10.58 -1.33 15.72
C ASN A 153 9.57 -0.18 15.72
N THR A 154 8.49 -0.37 16.46
CA THR A 154 7.36 0.56 16.47
C THR A 154 7.75 1.96 16.93
N LYS A 155 8.50 2.06 18.02
CA LYS A 155 8.89 3.38 18.53
C LYS A 155 9.71 4.13 17.48
N ALA A 156 10.59 3.42 16.81
CA ALA A 156 11.42 4.04 15.79
C ALA A 156 10.58 4.50 14.60
N LEU A 157 9.70 3.64 14.10
CA LEU A 157 8.83 4.02 13.01
C LEU A 157 7.97 5.24 13.36
N MET A 158 7.49 5.32 14.60
CA MET A 158 6.71 6.50 15.00
C MET A 158 7.53 7.77 14.93
N ASN A 159 8.72 7.74 15.49
CA ASN A 159 9.60 8.90 15.41
C ASN A 159 9.88 9.23 13.97
N HIS A 160 10.02 8.21 13.13
CA HIS A 160 10.25 8.50 11.72
C HIS A 160 9.08 9.28 11.13
N LYS A 161 7.86 8.82 11.41
CA LYS A 161 6.68 9.46 10.85
C LYS A 161 6.43 10.87 11.40
N ILE A 162 6.72 11.04 12.67
CA ILE A 162 6.60 12.34 13.31
C ILE A 162 7.55 13.30 12.67
N ALA A 163 8.78 12.89 12.39
CA ALA A 163 9.73 13.76 11.66
C ALA A 163 9.26 14.04 10.25
N ALA A 164 8.68 13.07 9.56
CA ALA A 164 8.20 13.33 8.20
C ALA A 164 7.08 14.39 8.24
N ILE A 165 6.14 14.26 9.17
CA ILE A 165 5.05 15.23 9.29
C ILE A 165 5.55 16.60 9.70
N GLN A 166 6.51 16.65 10.60
CA GLN A 166 7.09 17.95 10.98
C GLN A 166 7.83 18.69 9.82
N LYS A 167 8.42 17.92 8.91
CA LYS A 167 9.10 18.44 7.74
C LYS A 167 8.07 18.99 6.79
N LEU A 168 6.99 18.25 6.56
CA LEU A 168 5.84 18.83 5.82
C LEU A 168 5.30 20.13 6.47
N GLU A 169 5.27 20.20 7.79
CA GLU A 169 4.78 21.43 8.44
C GLU A 169 5.74 22.59 8.11
N ARG A 170 7.05 22.36 8.24
CA ARG A 170 8.01 23.45 8.14
C ARG A 170 8.09 24.01 6.77
N SER A 171 7.97 23.15 5.77
CA SER A 171 8.00 23.60 4.39
C SER A 171 6.59 23.87 3.79
N ASN A 172 5.58 24.03 4.64
CA ASN A 172 4.19 24.33 4.20
C ASN A 172 3.62 23.43 3.07
N ASN A 173 3.85 22.13 3.20
CA ASN A 173 3.42 21.18 2.19
C ASN A 173 2.49 20.11 2.81
N VAL A 174 1.71 20.49 3.81
CA VAL A 174 0.79 19.58 4.48
C VAL A 174 -0.52 19.61 3.74
N ASN A 175 -0.94 18.46 3.25
CA ASN A 175 -2.27 18.32 2.64
C ASN A 175 -2.62 16.86 2.73
N ASP A 176 -3.83 16.49 2.32
CA ASP A 176 -4.30 15.12 2.48
C ASP A 176 -3.40 14.08 1.80
N GLU A 177 -2.82 14.43 0.66
CA GLU A 177 -1.97 13.46 -0.06
C GLU A 177 -0.61 13.24 0.60
N THR A 178 0.02 14.31 1.07
CA THR A 178 1.30 14.16 1.74
C THR A 178 1.15 13.49 3.12
N LEU A 179 0.09 13.81 3.87
CA LEU A 179 -0.21 13.09 5.10
C LEU A 179 -0.48 11.62 4.81
N GLU A 180 -1.32 11.31 3.80
CA GLU A 180 -1.59 9.92 3.44
C GLU A 180 -0.30 9.12 3.21
N SER A 181 0.64 9.69 2.51
CA SER A 181 1.87 8.95 2.24
C SER A 181 2.60 8.58 3.53
N VAL A 182 2.59 9.49 4.49
CA VAL A 182 3.25 9.22 5.75
C VAL A 182 2.47 8.18 6.52
N LEU A 183 1.16 8.34 6.59
CA LEU A 183 0.38 7.44 7.42
C LEU A 183 0.42 6.02 6.89
N SER A 184 0.53 5.87 5.58
CA SER A 184 0.51 4.52 4.98
C SER A 184 1.88 3.91 4.88
N SER A 185 2.92 4.70 5.11
CA SER A 185 4.28 4.15 5.06
C SER A 185 4.60 3.12 6.18
N LYS A 186 5.38 2.09 5.83
CA LYS A 186 5.99 1.20 6.85
C LYS A 186 7.53 1.26 6.79
N GLY A 187 8.09 2.30 6.16
CA GLY A 187 9.53 2.41 5.94
C GLY A 187 10.06 1.37 4.95
N GLU A 188 9.33 1.09 3.89
CA GLU A 188 9.68 0.00 2.97
C GLU A 188 10.95 0.32 2.24
N ASN A 189 11.16 1.60 1.96
CA ASN A 189 12.41 2.03 1.39
C ASN A 189 13.49 2.16 2.50
N LEU A 190 14.39 1.19 2.56
CA LEU A 190 15.37 1.09 3.65
C LEU A 190 16.34 2.25 3.67
N SER A 191 16.70 2.77 2.51
CA SER A 191 17.72 3.81 2.47
C SER A 191 17.17 5.10 2.98
N GLU A 192 15.91 5.40 2.66
CA GLU A 192 15.27 6.57 3.22
C GLU A 192 15.04 6.36 4.70
N TYR A 193 14.62 5.14 5.08
CA TYR A 193 14.30 4.91 6.48
C TYR A 193 15.52 5.17 7.36
N LEU A 194 16.67 4.60 6.99
CA LEU A 194 17.87 4.76 7.80
C LEU A 194 18.66 6.00 7.41
N SER A 195 18.18 6.78 6.45
CA SER A 195 18.97 7.90 5.98
C SER A 195 20.41 7.49 5.49
N TYR A 196 20.49 6.37 4.79
CA TYR A 196 21.75 5.76 4.42
C TYR A 196 21.59 5.22 2.99
N LYS A 197 22.32 5.86 2.08
CA LYS A 197 22.17 5.66 0.66
C LYS A 197 22.48 4.22 0.31
N TYR A 198 23.38 3.59 1.06
CA TYR A 198 23.90 2.26 0.72
C TYR A 198 23.23 1.13 1.53
N ALA A 199 22.12 1.46 2.18
CA ALA A 199 21.35 0.48 2.95
C ALA A 199 21.00 -0.72 2.14
N THR A 200 21.28 -1.89 2.65
CA THR A 200 20.97 -3.11 1.95
C THR A 200 21.04 -4.29 2.89
N LYS A 201 20.40 -5.37 2.51
CA LYS A 201 20.54 -6.67 3.15
C LYS A 201 21.33 -7.65 2.25
N ASP A 202 21.66 -7.24 1.04
CA ASP A 202 22.42 -8.03 0.08
C ASP A 202 23.90 -7.63 0.13
N GLU A 203 24.63 -7.96 -0.92
CA GLU A 203 26.08 -7.81 -0.93
C GLU A 203 26.53 -6.35 -1.12
N GLY A 204 25.64 -5.44 -1.48
CA GLY A 204 26.00 -4.04 -1.61
C GLY A 204 27.22 -3.82 -2.46
N ARG A 205 27.98 -2.78 -2.17
CA ARG A 205 29.10 -2.42 -2.99
C ARG A 205 30.31 -3.31 -2.77
N GLU A 206 31.17 -3.36 -3.78
CA GLU A 206 32.51 -3.89 -3.68
C GLU A 206 33.36 -2.93 -2.81
N HIS A 207 34.22 -3.47 -1.97
CA HIS A 207 35.07 -2.64 -1.15
C HIS A 207 36.42 -3.30 -1.00
N ARG A 208 37.49 -2.54 -1.06
CA ARG A 208 38.79 -3.08 -0.76
C ARG A 208 38.84 -3.58 0.71
N TYR A 209 38.26 -2.82 1.64
CA TYR A 209 38.20 -3.22 3.06
C TYR A 209 36.76 -3.37 3.53
N THR A 210 36.11 -4.45 3.09
CA THR A 210 34.71 -4.69 3.41
C THR A 210 34.50 -4.76 4.90
N ALA A 211 33.57 -3.99 5.41
CA ALA A 211 33.41 -3.92 6.87
C ALA A 211 33.26 -5.31 7.48
N SER A 212 33.89 -5.47 8.63
CA SER A 212 34.02 -6.73 9.29
C SER A 212 33.98 -6.55 10.77
N THR A 213 33.50 -7.60 11.46
CA THR A 213 33.51 -7.68 12.91
C THR A 213 34.80 -8.28 13.43
N GLU A 214 35.63 -8.88 12.56
CA GLU A 214 36.92 -9.45 13.02
C GLU A 214 37.83 -8.28 13.45
N ASN A 215 38.49 -8.47 14.57
CA ASN A 215 39.31 -7.42 15.23
C ASN A 215 38.57 -6.46 16.16
N PHE A 216 37.32 -6.80 16.47
CA PHE A 216 36.53 -6.10 17.47
C PHE A 216 36.03 -7.14 18.44
N LYS A 217 36.77 -7.30 19.55
CA LYS A 217 36.46 -8.29 20.57
C LYS A 217 34.99 -8.19 21.08
N ASN A 218 34.45 -6.98 21.27
CA ASN A 218 33.17 -6.79 22.01
C ASN A 218 31.89 -6.74 21.22
N VAL A 219 31.97 -6.96 19.91
CA VAL A 219 30.81 -6.79 19.05
C VAL A 219 29.77 -7.88 19.33
N LYS A 220 28.49 -7.53 19.37
CA LYS A 220 27.45 -8.54 19.64
C LYS A 220 27.45 -9.66 18.60
N GLU A 221 27.04 -10.85 19.06
CA GLU A 221 27.15 -12.07 18.29
C GLU A 221 26.38 -12.01 16.99
N LYS A 222 25.22 -11.34 17.00
CA LYS A 222 24.35 -11.26 15.81
C LYS A 222 25.01 -10.65 14.57
N TYR A 223 26.07 -9.86 14.75
CA TYR A 223 26.77 -9.23 13.66
C TYR A 223 27.91 -10.05 13.10
N GLN A 224 28.30 -11.15 13.71
CA GLN A 224 29.61 -11.72 13.43
C GLN A 224 29.73 -12.36 12.07
N GLN A 225 28.59 -12.61 11.44
CA GLN A 225 28.58 -13.22 10.17
C GLN A 225 28.05 -12.28 9.12
N MET A 226 28.04 -11.00 9.41
CA MET A 226 27.62 -10.03 8.40
C MET A 226 28.84 -9.26 7.94
N ARG A 227 28.81 -8.81 6.68
CA ARG A 227 29.91 -8.00 6.15
C ARG A 227 29.40 -6.82 5.38
N GLY A 228 30.27 -5.85 5.17
CA GLY A 228 30.04 -4.81 4.17
C GLY A 228 28.91 -3.84 4.53
N ASP A 229 28.27 -3.28 3.50
CA ASP A 229 27.16 -2.37 3.66
C ASP A 229 26.02 -3.01 4.47
N ALA A 230 25.84 -4.32 4.35
CA ALA A 230 24.80 -5.01 5.05
C ALA A 230 25.10 -5.00 6.55
N LEU A 231 26.37 -5.16 6.91
CA LEU A 231 26.80 -5.09 8.32
C LEU A 231 26.46 -3.72 8.86
N LYS A 232 26.84 -2.69 8.13
CA LYS A 232 26.58 -1.33 8.61
C LYS A 232 25.10 -1.04 8.68
N THR A 233 24.33 -1.55 7.69
CA THR A 233 22.87 -1.37 7.65
C THR A 233 22.25 -1.91 8.95
N GLU A 234 22.62 -3.13 9.31
CA GLU A 234 22.12 -3.74 10.51
C GLU A 234 22.53 -2.97 11.78
N ILE A 235 23.79 -2.56 11.88
CA ILE A 235 24.19 -1.73 13.03
C ILE A 235 23.32 -0.45 13.11
N LEU A 236 23.15 0.24 12.00
CA LEU A 236 22.37 1.49 11.98
C LEU A 236 20.93 1.27 12.37
N ALA A 237 20.36 0.17 11.93
CA ALA A 237 18.96 -0.15 12.25
C ALA A 237 18.84 -0.28 13.77
N ASP A 238 19.72 -1.06 14.39
CA ASP A 238 19.67 -1.27 15.83
C ASP A 238 19.97 0.02 16.59
N PHE A 239 20.84 0.86 16.06
CA PHE A 239 21.08 2.18 16.65
C PHE A 239 19.83 3.03 16.57
N LYS A 240 19.16 3.01 15.42
CA LYS A 240 17.90 3.79 15.28
C LYS A 240 16.89 3.40 16.38
N ASP A 241 16.80 2.09 16.60
CA ASP A 241 15.91 1.51 17.64
C ASP A 241 16.27 1.93 19.05
N LYS A 242 17.54 1.93 19.35
CA LYS A 242 17.99 2.37 20.64
C LYS A 242 17.78 3.89 20.79
N LEU A 243 18.07 4.65 19.76
CA LEU A 243 17.82 6.09 19.86
C LEU A 243 16.34 6.38 20.16
N ALA A 244 15.44 5.52 19.68
CA ALA A 244 14.01 5.72 19.84
C ALA A 244 13.54 5.58 21.29
N GLU A 245 14.40 5.08 22.17
CA GLU A 245 14.03 5.01 23.59
C GLU A 245 14.20 6.35 24.29
N ALA A 246 14.85 7.30 23.65
CA ALA A 246 15.03 8.62 24.23
C ALA A 246 13.66 9.28 24.50
N THR A 247 13.54 9.98 25.62
CA THR A 247 12.29 10.63 26.02
C THR A 247 12.49 12.12 26.19
N ASP A 248 13.69 12.53 26.56
CA ASP A 248 14.07 13.95 26.54
C ASP A 248 15.52 14.16 26.08
N GLU A 249 15.92 15.42 25.98
CA GLU A 249 17.26 15.82 25.56
C GLU A 249 18.39 15.14 26.38
N GLN A 250 18.24 15.07 27.70
CA GLN A 250 19.29 14.48 28.55
C GLN A 250 19.46 12.99 28.20
N SER A 251 18.33 12.33 28.04
CA SER A 251 18.23 10.90 27.69
C SER A 251 18.91 10.54 26.35
N LEU A 252 18.76 11.45 25.40
CA LEU A 252 19.23 11.22 24.07
C LEU A 252 20.72 11.31 24.07
N LYS A 253 21.23 12.31 24.77
CA LYS A 253 22.66 12.56 24.87
C LYS A 253 23.31 11.37 25.53
N GLN A 254 22.68 10.82 26.54
CA GLN A 254 23.18 9.62 27.19
C GLN A 254 23.22 8.41 26.26
N ILE A 255 22.14 8.19 25.52
CA ILE A 255 22.09 7.04 24.64
C ILE A 255 23.16 7.17 23.57
N VAL A 256 23.32 8.36 23.01
CA VAL A 256 24.30 8.64 21.97
C VAL A 256 25.70 8.33 22.50
N ALA A 257 25.96 8.65 23.75
CA ALA A 257 27.30 8.46 24.33
C ALA A 257 27.59 6.98 24.49
N GLU A 258 26.56 6.23 24.82
CA GLU A 258 26.64 4.79 24.93
C GLU A 258 26.92 4.18 23.59
N LEU A 259 26.13 4.51 22.60
CA LEU A 259 26.30 3.91 21.28
C LEU A 259 27.67 4.26 20.66
N LYS A 260 28.13 5.51 20.80
CA LYS A 260 29.43 5.95 20.27
C LYS A 260 30.59 5.27 20.96
N SER A 261 30.37 4.69 22.13
CA SER A 261 31.41 3.94 22.86
C SER A 261 31.50 2.48 22.40
N LYS A 262 30.59 2.03 21.54
CA LYS A 262 30.51 0.62 21.18
C LYS A 262 31.39 0.28 19.99
N ASP A 263 31.85 -0.96 19.91
CA ASP A 263 32.67 -1.38 18.77
C ASP A 263 31.88 -1.27 17.46
N GLU A 264 30.58 -1.54 17.54
CA GLU A 264 29.71 -1.35 16.42
C GLU A 264 29.84 0.09 15.86
N TYR A 265 29.98 1.11 16.71
CA TYR A 265 30.18 2.45 16.18
C TYR A 265 31.51 2.60 15.45
N ARG A 266 32.55 1.96 15.94
CA ARG A 266 33.85 2.05 15.29
C ARG A 266 33.76 1.37 13.94
N ILE A 267 32.93 0.31 13.81
CA ILE A 267 32.72 -0.33 12.51
C ILE A 267 32.10 0.65 11.52
N LEU A 268 31.06 1.34 11.97
CA LEU A 268 30.48 2.40 11.15
C LEU A 268 31.55 3.42 10.72
N ALA A 269 32.35 3.85 11.67
CA ALA A 269 33.29 4.95 11.43
C ALA A 269 34.51 4.56 10.60
N LYS A 270 34.76 3.26 10.47
CA LYS A 270 35.89 2.73 9.66
C LYS A 270 35.55 2.64 8.18
N GLY A 271 36.32 3.36 7.36
CA GLY A 271 36.09 3.45 5.93
C GLY A 271 36.33 2.13 5.29
N GLN A 272 35.67 1.87 4.16
CA GLN A 272 35.75 0.57 3.50
C GLN A 272 36.62 0.57 2.24
N GLY A 273 37.23 1.71 1.93
CA GLY A 273 38.12 1.83 0.77
C GLY A 273 39.32 2.69 1.12
N LEU A 274 40.40 2.57 0.38
CA LEU A 274 41.61 3.31 0.71
C LEU A 274 41.53 4.78 0.35
N THR A 275 41.04 5.11 -0.84
CA THR A 275 40.87 6.52 -1.22
C THR A 275 39.97 7.21 -0.21
N THR A 276 38.87 6.56 0.18
CA THR A 276 37.96 7.19 1.12
C THR A 276 38.59 7.40 2.52
N GLN A 277 39.33 6.44 3.04
CA GLN A 277 39.99 6.63 4.34
C GLN A 277 41.03 7.78 4.32
N LEU A 278 41.65 8.03 3.18
CA LEU A 278 42.66 9.08 3.07
C LEU A 278 42.02 10.49 3.01
N LEU A 279 40.73 10.55 2.71
CA LEU A 279 40.09 11.83 2.63
C LEU A 279 39.83 12.45 3.99
N GLY A 280 39.59 11.64 4.99
CA GLY A 280 39.46 12.15 6.33
C GLY A 280 38.12 12.74 6.63
N LEU A 281 37.07 12.23 5.98
CA LEU A 281 35.71 12.66 6.19
C LEU A 281 34.90 11.60 6.94
N LYS A 282 33.79 11.99 7.54
CA LYS A 282 32.85 11.04 8.13
C LYS A 282 32.41 10.04 7.11
N THR A 283 32.28 8.78 7.50
CA THR A 283 31.77 7.79 6.62
C THR A 283 30.33 8.11 6.33
N SER A 284 29.77 7.50 5.31
CA SER A 284 28.30 7.66 5.12
C SER A 284 27.46 7.14 6.29
N SER A 285 27.83 6.02 6.86
CA SER A 285 27.03 5.47 7.95
C SER A 285 27.09 6.32 9.19
N VAL A 286 28.24 6.94 9.47
CA VAL A 286 28.33 7.85 10.63
C VAL A 286 27.42 9.06 10.38
N SER A 287 27.41 9.56 9.14
CA SER A 287 26.53 10.66 8.76
C SER A 287 25.09 10.29 8.96
N SER A 288 24.74 9.08 8.54
CA SER A 288 23.39 8.60 8.79
C SER A 288 23.06 8.58 10.27
N PHE A 289 23.99 8.08 11.08
CA PHE A 289 23.77 8.06 12.50
C PHE A 289 23.50 9.47 13.01
N GLU A 290 24.26 10.45 12.54
CA GLU A 290 24.08 11.81 13.02
C GLU A 290 22.70 12.39 12.60
N LYS A 291 22.20 11.98 11.45
CA LYS A 291 20.89 12.41 11.01
C LYS A 291 19.82 11.80 11.87
N MET A 292 19.96 10.53 12.22
CA MET A 292 19.04 9.90 13.13
C MET A 292 19.00 10.59 14.52
N VAL A 293 20.13 11.08 14.99
CA VAL A 293 20.18 11.75 16.27
C VAL A 293 19.34 13.02 16.12
N GLU A 294 19.57 13.80 15.05
CA GLU A 294 18.73 14.95 14.72
C GLU A 294 17.25 14.60 14.52
N GLU A 295 16.93 13.54 13.81
CA GLU A 295 15.54 13.15 13.73
C GLU A 295 14.98 12.88 15.15
N THR A 296 15.73 12.18 15.99
CA THR A 296 15.21 11.81 17.28
C THR A 296 15.02 13.04 18.14
N ARG A 297 15.95 14.00 18.02
CA ARG A 297 15.88 15.23 18.75
C ARG A 297 14.59 15.99 18.39
N GLU A 298 14.31 16.13 17.09
CA GLU A 298 13.09 16.81 16.62
C GLU A 298 11.81 16.11 17.10
N SER A 299 11.78 14.77 17.11
CA SER A 299 10.57 14.00 17.53
C SER A 299 10.26 13.99 19.05
N ILE A 300 10.98 14.83 19.78
CA ILE A 300 11.12 14.77 21.25
C ILE A 300 11.27 16.20 21.82
N LYS A 301 11.88 17.12 21.05
CA LYS A 301 11.81 18.59 21.29
C LYS A 301 10.50 19.16 20.73
N SER A 302 9.47 19.22 21.58
CA SER A 302 8.10 19.59 21.16
C SER A 302 7.21 20.01 22.32
N GLN A 303 6.68 19.03 23.06
CA GLN A 303 5.86 19.26 24.27
C GLN A 303 6.67 19.91 25.39
N GLY B 1 -11.38 -28.31 -54.13
CA GLY B 1 -12.69 -28.21 -53.44
C GLY B 1 -12.53 -28.22 -51.93
N HIS B 2 -13.22 -29.17 -51.28
CA HIS B 2 -13.14 -29.37 -49.81
C HIS B 2 -11.75 -29.85 -49.33
N MET B 3 -11.14 -30.82 -50.02
CA MET B 3 -9.81 -31.35 -49.65
C MET B 3 -8.72 -30.28 -49.83
N VAL B 4 -8.85 -29.42 -50.85
CA VAL B 4 -7.76 -28.50 -51.18
C VAL B 4 -7.87 -27.30 -50.26
N THR B 5 -9.11 -26.90 -50.00
CA THR B 5 -9.37 -25.87 -49.00
C THR B 5 -9.02 -26.36 -47.62
N ARG B 6 -9.17 -27.65 -47.33
CA ARG B 6 -8.74 -28.18 -46.03
C ARG B 6 -7.19 -28.20 -45.93
N ILE B 7 -6.51 -28.69 -46.96
CA ILE B 7 -5.05 -28.64 -46.99
C ILE B 7 -4.55 -27.22 -46.69
N GLU B 8 -5.15 -26.23 -47.36
CA GLU B 8 -4.76 -24.83 -47.22
C GLU B 8 -4.97 -24.31 -45.80
N ASN B 9 -6.11 -24.67 -45.21
CA ASN B 9 -6.39 -24.24 -43.85
C ASN B 9 -5.48 -24.90 -42.86
N LEU B 10 -5.15 -26.17 -43.09
CA LEU B 10 -4.20 -26.88 -42.24
C LEU B 10 -2.80 -26.25 -42.32
N GLU B 11 -2.41 -25.82 -43.50
CA GLU B 11 -1.09 -25.23 -43.67
C GLU B 11 -1.05 -23.89 -42.92
N ASN B 12 -2.16 -23.17 -42.91
CA ASN B 12 -2.15 -21.94 -42.17
C ASN B 12 -2.26 -22.17 -40.64
N ALA B 13 -2.97 -23.22 -40.22
CA ALA B 13 -3.04 -23.57 -38.80
C ALA B 13 -1.64 -23.98 -38.34
N LYS B 14 -0.91 -24.69 -39.19
CA LYS B 14 0.46 -25.07 -38.86
C LYS B 14 1.25 -23.80 -38.59
N LYS B 15 1.15 -22.78 -39.46
CA LYS B 15 1.88 -21.54 -39.24
C LYS B 15 1.41 -20.85 -37.94
N LEU B 16 0.13 -20.88 -37.65
CA LEU B 16 -0.32 -20.24 -36.43
C LEU B 16 0.24 -20.95 -35.22
N TRP B 17 0.29 -22.27 -35.29
CA TRP B 17 0.79 -23.03 -34.18
C TRP B 17 2.27 -22.72 -33.98
N ASP B 18 3.06 -22.74 -35.05
CA ASP B 18 4.49 -22.35 -34.97
C ASP B 18 4.70 -21.03 -34.30
N ASN B 19 3.86 -20.04 -34.63
CA ASN B 19 3.97 -18.74 -34.00
C ASN B 19 3.81 -18.83 -32.49
N ALA B 20 2.90 -19.69 -32.04
CA ALA B 20 2.63 -19.78 -30.60
C ALA B 20 3.82 -20.40 -29.93
N ASN B 21 4.34 -21.46 -30.54
CA ASN B 21 5.53 -22.18 -30.02
C ASN B 21 6.76 -21.28 -29.94
N SER B 22 6.90 -20.37 -30.89
CA SER B 22 8.02 -19.44 -30.85
C SER B 22 7.87 -18.55 -29.65
N MET B 23 6.66 -18.05 -29.47
CA MET B 23 6.44 -17.17 -28.37
C MET B 23 6.69 -17.95 -27.11
N LEU B 24 6.24 -19.21 -27.08
CA LEU B 24 6.44 -20.04 -25.91
C LEU B 24 7.92 -20.11 -25.61
N GLU B 25 8.70 -20.47 -26.61
CA GLU B 25 10.15 -20.67 -26.47
C GLU B 25 10.88 -19.42 -25.92
N LYS B 26 10.49 -18.22 -26.37
CA LYS B 26 11.04 -16.94 -25.87
C LYS B 26 10.57 -16.60 -24.45
N GLY B 27 9.60 -17.31 -23.90
CA GLY B 27 9.05 -16.97 -22.62
C GLY B 27 8.21 -15.69 -22.62
N ASN B 28 7.67 -15.29 -23.77
CA ASN B 28 6.68 -14.21 -23.85
C ASN B 28 5.27 -14.80 -23.59
N ILE B 29 4.84 -14.69 -22.34
CA ILE B 29 3.63 -15.32 -21.91
C ILE B 29 2.38 -14.79 -22.57
N SER B 30 2.16 -13.50 -22.51
CA SER B 30 0.97 -12.96 -23.10
C SER B 30 1.00 -13.13 -24.62
N GLY B 31 2.18 -13.03 -25.23
CA GLY B 31 2.34 -13.24 -26.65
C GLY B 31 1.98 -14.67 -27.04
N TYR B 32 2.40 -15.64 -26.21
CA TYR B 32 2.07 -17.03 -26.41
C TYR B 32 0.57 -17.26 -26.33
N LEU B 33 -0.08 -16.77 -25.26
CA LEU B 33 -1.52 -16.96 -25.10
C LEU B 33 -2.27 -16.35 -26.28
N LYS B 34 -1.88 -15.15 -26.67
CA LYS B 34 -2.52 -14.49 -27.78
C LYS B 34 -2.34 -15.30 -29.02
N ALA B 35 -1.13 -15.76 -29.29
CA ALA B 35 -0.91 -16.57 -30.49
C ALA B 35 -1.72 -17.88 -30.40
N ALA B 36 -1.84 -18.47 -29.20
CA ALA B 36 -2.65 -19.69 -29.01
C ALA B 36 -4.09 -19.34 -29.32
N ASN B 37 -4.52 -18.19 -28.84
CA ASN B 37 -5.87 -17.73 -29.14
C ASN B 37 -6.15 -17.55 -30.62
N GLU B 38 -5.22 -16.97 -31.37
CA GLU B 38 -5.42 -16.82 -32.82
C GLU B 38 -5.51 -18.14 -33.54
N LEU B 39 -4.71 -19.11 -33.11
CA LEU B 39 -4.74 -20.47 -33.66
C LEU B 39 -6.13 -21.06 -33.42
N HIS B 40 -6.62 -20.92 -32.20
CA HIS B 40 -7.94 -21.44 -31.88
C HIS B 40 -9.04 -20.75 -32.66
N LYS B 41 -8.97 -19.44 -32.75
CA LYS B 41 -9.97 -18.69 -33.50
C LYS B 41 -9.98 -19.18 -34.95
N PHE B 42 -8.81 -19.30 -35.55
CA PHE B 42 -8.76 -19.68 -36.96
C PHE B 42 -9.26 -21.10 -37.15
N MET B 43 -8.87 -22.00 -36.27
CA MET B 43 -9.30 -23.40 -36.37
C MET B 43 -10.80 -23.58 -36.15
N LYS B 44 -11.39 -22.84 -35.22
CA LYS B 44 -12.86 -22.86 -35.07
C LYS B 44 -13.57 -22.36 -36.33
N GLU B 45 -13.10 -21.24 -36.90
CA GLU B 45 -13.67 -20.63 -38.12
C GLU B 45 -13.67 -21.65 -39.25
N LYS B 46 -12.58 -22.41 -39.38
CA LYS B 46 -12.53 -23.49 -40.37
C LYS B 46 -13.06 -24.54 -39.44
N ASN B 47 -13.21 -25.77 -39.79
CA ASN B 47 -13.90 -26.55 -38.78
C ASN B 47 -12.88 -27.54 -38.40
N LEU B 48 -11.73 -27.04 -37.93
CA LEU B 48 -10.54 -27.86 -37.72
C LEU B 48 -10.36 -28.22 -36.25
N LYS B 49 -10.01 -29.45 -35.99
CA LYS B 49 -9.91 -29.90 -34.62
C LYS B 49 -8.46 -30.24 -34.33
N GLU B 50 -8.13 -30.36 -33.07
CA GLU B 50 -6.75 -30.63 -32.71
C GLU B 50 -6.21 -31.89 -33.40
N ASP B 51 -7.00 -32.95 -33.50
CA ASP B 51 -6.45 -34.17 -34.11
C ASP B 51 -6.35 -34.08 -35.64
N ASP B 52 -6.96 -33.07 -36.23
CA ASP B 52 -6.74 -32.79 -37.64
C ASP B 52 -5.32 -32.24 -37.80
N LEU B 53 -4.88 -31.41 -36.87
CA LEU B 53 -3.66 -30.69 -37.02
C LEU B 53 -2.44 -31.50 -36.53
N ARG B 54 -2.68 -32.44 -35.62
CA ARG B 54 -1.59 -33.13 -34.97
C ARG B 54 -0.63 -33.87 -35.89
N PRO B 55 -1.11 -34.68 -36.83
CA PRO B 55 -0.18 -35.34 -37.78
C PRO B 55 0.70 -34.37 -38.58
N GLU B 56 0.16 -33.19 -38.85
CA GLU B 56 0.90 -32.16 -39.58
C GLU B 56 1.98 -31.47 -38.73
N LEU B 57 2.01 -31.75 -37.44
CA LEU B 57 3.01 -31.13 -36.56
C LEU B 57 4.10 -32.16 -36.27
N SER B 58 4.11 -33.20 -37.10
CA SER B 58 5.02 -34.29 -36.97
C SER B 58 6.51 -33.84 -36.90
N ASP B 59 6.83 -32.79 -37.66
CA ASP B 59 8.20 -32.24 -37.74
C ASP B 59 8.45 -31.11 -36.73
N LYS B 60 7.54 -30.86 -35.80
CA LYS B 60 7.70 -29.76 -34.87
C LYS B 60 7.74 -30.26 -33.44
N THR B 61 8.31 -29.47 -32.54
CA THR B 61 8.58 -29.91 -31.17
C THR B 61 8.27 -28.83 -30.15
N ILE B 62 7.61 -29.19 -29.06
CA ILE B 62 7.62 -28.35 -27.89
C ILE B 62 8.85 -28.75 -27.10
N SER B 63 9.77 -27.81 -26.88
CA SER B 63 10.99 -28.08 -26.12
C SER B 63 10.72 -28.45 -24.65
N PRO B 64 11.71 -29.05 -23.99
CA PRO B 64 11.63 -29.16 -22.54
C PRO B 64 11.37 -27.81 -21.85
N LYS B 65 12.07 -26.76 -22.25
CA LYS B 65 11.83 -25.42 -21.69
C LYS B 65 10.36 -25.04 -21.91
N GLY B 66 9.85 -25.38 -23.07
CA GLY B 66 8.49 -25.06 -23.43
C GLY B 66 7.50 -25.73 -22.52
N TYR B 67 7.67 -27.03 -22.29
CA TYR B 67 6.79 -27.74 -21.38
C TYR B 67 6.93 -27.23 -19.96
N ALA B 68 8.09 -26.68 -19.58
CA ALA B 68 8.26 -26.18 -18.22
C ALA B 68 7.44 -24.89 -18.05
N ILE B 69 7.49 -23.99 -19.03
CA ILE B 69 6.64 -22.78 -19.01
C ILE B 69 5.15 -23.17 -18.98
N LEU B 70 4.76 -24.18 -19.74
CA LEU B 70 3.37 -24.59 -19.77
C LEU B 70 2.92 -25.17 -18.40
N GLN B 71 3.81 -25.91 -17.74
CA GLN B 71 3.53 -26.42 -16.41
C GLN B 71 3.40 -25.28 -15.39
N SER B 72 4.29 -24.29 -15.46
CA SER B 72 4.18 -23.12 -14.58
C SER B 72 2.91 -22.32 -14.81
N LEU B 73 2.55 -22.16 -16.07
CA LEU B 73 1.32 -21.48 -16.45
C LEU B 73 0.17 -22.19 -15.80
N TRP B 74 0.13 -23.52 -15.97
CA TRP B 74 -0.93 -24.33 -15.47
C TRP B 74 -1.06 -24.09 -13.99
N GLY B 75 0.06 -24.10 -13.28
CA GLY B 75 0.05 -23.96 -11.84
C GLY B 75 -0.40 -22.59 -11.41
N ALA B 76 0.14 -21.56 -12.04
CA ALA B 76 -0.24 -20.17 -11.69
C ALA B 76 -1.73 -19.94 -11.95
N ALA B 77 -2.21 -20.49 -13.04
CA ALA B 77 -3.61 -20.36 -13.37
C ALA B 77 -4.47 -21.07 -12.34
N SER B 78 -4.14 -22.28 -11.94
CA SER B 78 -5.00 -23.02 -10.98
C SER B 78 -5.09 -22.28 -9.66
N ASP B 79 -3.93 -21.84 -9.14
CA ASP B 79 -3.86 -21.04 -7.93
C ASP B 79 -4.64 -19.74 -8.07
N TYR B 80 -4.51 -19.06 -9.22
CA TYR B 80 -5.19 -17.80 -9.43
C TYR B 80 -6.72 -18.06 -9.45
N SER B 81 -7.09 -19.12 -10.13
CA SER B 81 -8.46 -19.51 -10.22
C SER B 81 -9.10 -19.75 -8.84
N ARG B 82 -8.35 -20.39 -7.95
CA ARG B 82 -8.79 -20.62 -6.58
C ARG B 82 -8.81 -19.28 -5.74
N ALA B 83 -7.74 -18.48 -5.82
CA ALA B 83 -7.70 -17.21 -5.13
C ALA B 83 -8.85 -16.32 -5.59
N ALA B 84 -9.20 -16.33 -6.88
CA ALA B 84 -10.21 -15.41 -7.42
C ALA B 84 -11.66 -15.81 -7.07
N ALA B 85 -11.83 -17.00 -6.49
CA ALA B 85 -13.14 -17.44 -5.99
C ALA B 85 -13.38 -16.90 -4.59
N THR B 86 -14.24 -15.90 -4.47
CA THR B 86 -14.30 -15.08 -3.26
C THR B 86 -15.74 -14.89 -2.82
N LEU B 87 -15.96 -14.51 -1.57
CA LEU B 87 -17.33 -14.22 -1.09
C LEU B 87 -18.01 -13.05 -1.86
N THR B 88 -17.23 -12.10 -2.41
CA THR B 88 -17.73 -11.01 -3.26
C THR B 88 -18.15 -11.49 -4.65
N GLU B 89 -17.39 -12.41 -5.23
CA GLU B 89 -17.66 -12.89 -6.59
C GLU B 89 -16.81 -14.16 -6.86
N SER B 90 -17.38 -15.16 -7.54
CA SER B 90 -16.67 -16.42 -7.77
C SER B 90 -17.04 -17.13 -9.08
N THR B 91 -17.58 -16.41 -10.06
CA THR B 91 -17.98 -17.07 -11.28
C THR B 91 -17.16 -16.52 -12.45
N VAL B 92 -17.05 -15.20 -12.58
CA VAL B 92 -16.41 -14.62 -13.74
C VAL B 92 -14.89 -14.69 -13.73
N GLU B 93 -14.24 -14.18 -12.70
CA GLU B 93 -12.77 -14.16 -12.74
C GLU B 93 -12.20 -15.59 -12.72
N PRO B 94 -12.71 -16.46 -11.83
CA PRO B 94 -12.28 -17.83 -11.94
C PRO B 94 -12.55 -18.45 -13.28
N GLY B 95 -13.74 -18.24 -13.85
CA GLY B 95 -14.02 -18.79 -15.16
C GLY B 95 -13.00 -18.33 -16.21
N LEU B 96 -12.65 -17.05 -16.17
CA LEU B 96 -11.74 -16.46 -17.16
C LEU B 96 -10.35 -17.05 -17.04
N VAL B 97 -9.86 -17.20 -15.82
CA VAL B 97 -8.54 -17.72 -15.58
C VAL B 97 -8.45 -19.20 -15.93
N SER B 98 -9.46 -19.96 -15.56
CA SER B 98 -9.41 -21.38 -15.86
C SER B 98 -9.48 -21.57 -17.41
N ALA B 99 -10.15 -20.68 -18.13
CA ALA B 99 -10.17 -20.79 -19.59
C ALA B 99 -8.86 -20.50 -20.18
N VAL B 100 -8.03 -19.68 -19.51
CA VAL B 100 -6.69 -19.35 -20.03
C VAL B 100 -5.92 -20.64 -19.99
N ASN B 101 -6.09 -21.37 -18.90
CA ASN B 101 -5.60 -22.74 -18.86
C ASN B 101 -6.07 -23.67 -19.98
N LYS B 102 -7.36 -23.67 -20.25
CA LYS B 102 -7.90 -24.48 -21.32
C LYS B 102 -7.37 -24.05 -22.69
N MET B 103 -7.04 -22.77 -22.86
CA MET B 103 -6.47 -22.28 -24.11
C MET B 103 -5.05 -22.83 -24.27
N SER B 104 -4.24 -22.75 -23.23
CA SER B 104 -2.92 -23.35 -23.29
C SER B 104 -3.01 -24.87 -23.57
N ALA B 105 -3.88 -25.56 -22.86
CA ALA B 105 -4.06 -26.99 -23.07
C ALA B 105 -4.39 -27.26 -24.54
N PHE B 106 -5.14 -26.35 -25.15
CA PHE B 106 -5.51 -26.53 -26.57
C PHE B 106 -4.29 -26.46 -27.46
N PHE B 107 -3.41 -25.49 -27.22
CA PHE B 107 -2.14 -25.42 -27.91
C PHE B 107 -1.34 -26.72 -27.73
N MET B 108 -1.35 -27.27 -26.51
CA MET B 108 -0.55 -28.45 -26.25
C MET B 108 -1.15 -29.67 -26.94
N ASP B 109 -2.47 -29.79 -26.85
CA ASP B 109 -3.17 -30.92 -27.46
C ASP B 109 -3.14 -30.93 -29.01
N CYS B 110 -2.87 -29.81 -29.67
CA CYS B 110 -2.63 -29.84 -31.11
C CYS B 110 -1.39 -30.64 -31.44
N LYS B 111 -0.46 -30.73 -30.50
CA LYS B 111 0.78 -31.45 -30.72
C LYS B 111 0.81 -32.83 -30.05
N LEU B 112 0.23 -32.94 -28.86
CA LEU B 112 0.54 -34.06 -27.94
C LEU B 112 -0.19 -35.35 -28.22
N SER B 113 -1.52 -35.37 -28.11
CA SER B 113 -2.28 -36.66 -28.07
C SER B 113 -2.32 -37.26 -26.68
N PRO B 114 -3.48 -37.81 -26.28
CA PRO B 114 -3.60 -38.50 -24.97
C PRO B 114 -2.54 -39.62 -24.73
N ASN B 115 -2.04 -40.21 -25.83
CA ASN B 115 -0.99 -41.27 -25.76
C ASN B 115 0.38 -40.86 -25.22
N GLU B 116 0.71 -39.56 -25.25
CA GLU B 116 1.95 -39.05 -24.66
C GLU B 116 1.70 -38.20 -23.41
N ARG B 117 2.81 -37.96 -22.71
CA ARG B 117 2.89 -37.04 -21.60
C ARG B 117 3.92 -35.94 -21.90
N ALA B 118 3.57 -34.69 -21.55
CA ALA B 118 4.51 -33.56 -21.52
C ALA B 118 5.83 -33.92 -20.79
N THR B 119 6.91 -33.32 -21.21
CA THR B 119 8.24 -33.68 -20.68
C THR B 119 8.99 -32.40 -20.28
N PRO B 120 8.58 -31.75 -19.15
CA PRO B 120 9.17 -30.50 -18.71
C PRO B 120 10.57 -30.63 -18.14
N ASP B 121 11.45 -29.76 -18.59
CA ASP B 121 12.74 -29.52 -17.96
C ASP B 121 12.51 -29.22 -16.46
N PRO B 122 12.99 -30.09 -15.57
CA PRO B 122 12.80 -29.81 -14.15
C PRO B 122 13.59 -28.61 -13.60
N ASP B 123 14.64 -28.15 -14.29
CA ASP B 123 15.45 -27.01 -13.81
C ASP B 123 14.87 -25.65 -14.20
N PHE B 124 14.02 -25.62 -15.21
CA PHE B 124 13.60 -24.32 -15.71
C PHE B 124 12.41 -23.77 -14.91
N LYS B 125 12.59 -22.56 -14.36
CA LYS B 125 11.60 -21.97 -13.44
C LYS B 125 11.31 -20.52 -13.85
N VAL B 126 10.06 -20.22 -14.19
CA VAL B 126 9.67 -18.85 -14.52
C VAL B 126 8.98 -18.26 -13.30
N GLY B 127 9.25 -16.99 -13.05
CA GLY B 127 8.69 -16.33 -11.88
C GLY B 127 7.18 -16.34 -11.93
N LYS B 128 6.57 -16.66 -10.78
CA LYS B 128 5.12 -16.70 -10.66
C LYS B 128 4.50 -15.36 -11.08
N SER B 129 5.12 -14.25 -10.71
CA SER B 129 4.51 -12.98 -11.02
C SER B 129 4.52 -12.62 -12.52
N LYS B 130 5.57 -13.01 -13.24
CA LYS B 130 5.63 -12.81 -14.69
C LYS B 130 4.47 -13.60 -15.36
N ILE B 131 4.23 -14.81 -14.89
CA ILE B 131 3.17 -15.62 -15.43
C ILE B 131 1.81 -14.95 -15.16
N LEU B 132 1.59 -14.45 -13.94
CA LEU B 132 0.29 -13.92 -13.56
C LEU B 132 0.03 -12.66 -14.37
N VAL B 133 1.04 -11.83 -14.55
CA VAL B 133 0.88 -10.65 -15.38
C VAL B 133 0.49 -11.03 -16.80
N GLY B 134 1.16 -12.05 -17.35
CA GLY B 134 0.83 -12.53 -18.73
C GLY B 134 -0.62 -12.98 -18.84
N ILE B 135 -1.07 -13.74 -17.85
CA ILE B 135 -2.42 -14.22 -17.82
C ILE B 135 -3.37 -13.04 -17.83
N MET B 136 -3.12 -12.07 -16.94
CA MET B 136 -4.01 -10.92 -16.80
C MET B 136 -3.99 -10.12 -18.07
N GLN B 137 -2.84 -9.98 -18.72
CA GLN B 137 -2.81 -9.24 -19.98
C GLN B 137 -3.64 -9.90 -21.05
N PHE B 138 -3.58 -11.21 -21.09
CA PHE B 138 -4.30 -11.91 -22.11
C PHE B 138 -5.80 -11.81 -21.83
N ILE B 139 -6.19 -11.92 -20.57
CA ILE B 139 -7.61 -11.83 -20.24
C ILE B 139 -8.14 -10.48 -20.64
N LYS B 140 -7.35 -9.43 -20.38
CA LYS B 140 -7.69 -8.07 -20.76
C LYS B 140 -7.89 -7.95 -22.27
N ASP B 141 -7.02 -8.60 -23.06
CA ASP B 141 -7.13 -8.48 -24.51
CA ASP B 141 -7.12 -8.44 -24.51
C ASP B 141 -8.38 -9.16 -25.04
N VAL B 142 -8.80 -10.23 -24.38
CA VAL B 142 -9.75 -11.18 -24.93
C VAL B 142 -11.16 -11.09 -24.37
N ALA B 143 -11.28 -10.58 -23.15
CA ALA B 143 -12.59 -10.33 -22.55
C ALA B 143 -13.39 -9.28 -23.32
N ASP B 144 -14.68 -9.57 -23.49
CA ASP B 144 -15.63 -8.62 -24.05
C ASP B 144 -15.57 -7.24 -23.35
N PRO B 145 -15.66 -6.15 -24.12
CA PRO B 145 -15.70 -4.79 -23.56
C PRO B 145 -16.72 -4.62 -22.42
N THR B 146 -17.80 -5.38 -22.47
CA THR B 146 -18.87 -5.24 -21.45
C THR B 146 -18.72 -6.27 -20.31
N SER B 147 -17.67 -7.10 -20.33
CA SER B 147 -17.48 -8.07 -19.25
C SER B 147 -17.18 -7.29 -18.00
N LYS B 148 -17.75 -7.78 -16.89
CA LYS B 148 -17.65 -7.23 -15.56
C LYS B 148 -17.31 -8.34 -14.54
N ILE B 149 -16.37 -8.03 -13.66
CA ILE B 149 -16.08 -8.86 -12.48
C ILE B 149 -16.64 -8.06 -11.31
N TRP B 150 -17.66 -8.64 -10.66
CA TRP B 150 -18.43 -7.98 -9.62
C TRP B 150 -18.94 -6.68 -10.22
N MET B 151 -18.63 -5.54 -9.63
CA MET B 151 -19.17 -4.27 -10.08
C MET B 151 -18.21 -3.51 -10.98
N HIS B 152 -17.12 -4.15 -11.44
CA HIS B 152 -16.11 -3.44 -12.20
C HIS B 152 -15.83 -4.07 -13.55
N ASN B 153 -15.65 -3.24 -14.57
CA ASN B 153 -15.28 -3.67 -15.92
C ASN B 153 -14.03 -4.54 -15.90
N THR B 154 -14.11 -5.69 -16.58
CA THR B 154 -13.05 -6.71 -16.52
C THR B 154 -11.72 -6.20 -17.03
N LYS B 155 -11.70 -5.50 -18.15
CA LYS B 155 -10.47 -4.96 -18.69
C LYS B 155 -9.81 -4.00 -17.70
N ALA B 156 -10.61 -3.14 -17.08
CA ALA B 156 -10.06 -2.18 -16.12
C ALA B 156 -9.50 -2.88 -14.89
N LEU B 157 -10.24 -3.84 -14.35
CA LEU B 157 -9.74 -4.59 -13.20
C LEU B 157 -8.43 -5.31 -13.49
N MET B 158 -8.31 -5.89 -14.68
CA MET B 158 -7.08 -6.57 -15.06
C MET B 158 -5.89 -5.62 -15.06
N ASN B 159 -6.06 -4.47 -15.70
CA ASN B 159 -4.98 -3.47 -15.72
C ASN B 159 -4.66 -3.03 -14.32
N HIS B 160 -5.68 -2.95 -13.45
CA HIS B 160 -5.42 -2.57 -12.06
C HIS B 160 -4.57 -3.62 -11.36
N LYS B 161 -4.89 -4.90 -11.57
CA LYS B 161 -4.14 -6.00 -10.91
C LYS B 161 -2.75 -6.17 -11.48
N ILE B 162 -2.63 -5.99 -12.78
CA ILE B 162 -1.30 -5.96 -13.39
C ILE B 162 -0.44 -4.89 -12.74
N ALA B 163 -0.97 -3.67 -12.51
CA ALA B 163 -0.18 -2.61 -11.85
C ALA B 163 0.18 -3.05 -10.44
N ALA B 164 -0.76 -3.66 -9.73
CA ALA B 164 -0.52 -4.02 -8.34
C ALA B 164 0.60 -5.04 -8.25
N ILE B 165 0.62 -6.03 -9.15
CA ILE B 165 1.69 -7.05 -9.20
C ILE B 165 3.04 -6.44 -9.58
N GLN B 166 3.01 -5.50 -10.51
CA GLN B 166 4.24 -4.88 -10.93
C GLN B 166 4.86 -4.01 -9.83
N LYS B 167 4.00 -3.45 -9.00
CA LYS B 167 4.44 -2.64 -7.86
C LYS B 167 5.04 -3.57 -6.78
N LEU B 168 4.36 -4.68 -6.47
CA LEU B 168 5.02 -5.75 -5.66
C LEU B 168 6.36 -6.21 -6.26
N GLU B 169 6.49 -6.29 -7.59
CA GLU B 169 7.77 -6.73 -8.20
C GLU B 169 8.83 -5.69 -7.89
N ARG B 170 8.52 -4.41 -8.08
CA ARG B 170 9.54 -3.37 -7.99
C ARG B 170 10.03 -3.19 -6.58
N SER B 171 9.15 -3.34 -5.60
CA SER B 171 9.56 -3.24 -4.21
C SER B 171 9.87 -4.61 -3.58
N ASN B 172 10.11 -5.63 -4.41
CA ASN B 172 10.55 -6.93 -3.93
C ASN B 172 9.68 -7.57 -2.81
N ASN B 173 8.37 -7.42 -2.94
CA ASN B 173 7.43 -7.90 -1.95
C ASN B 173 6.41 -8.85 -2.57
N VAL B 174 6.87 -9.72 -3.48
CA VAL B 174 6.01 -10.76 -4.03
C VAL B 174 6.13 -11.94 -3.11
N ASN B 175 5.02 -12.35 -2.52
CA ASN B 175 4.98 -13.55 -1.69
C ASN B 175 3.56 -14.03 -1.70
N ASP B 176 3.29 -15.17 -1.08
CA ASP B 176 1.98 -15.80 -1.10
C ASP B 176 0.87 -14.94 -0.53
N GLU B 177 1.20 -14.15 0.50
CA GLU B 177 0.23 -13.22 1.15
C GLU B 177 -0.14 -12.02 0.30
N THR B 178 0.86 -11.39 -0.33
CA THR B 178 0.59 -10.25 -1.19
C THR B 178 -0.08 -10.65 -2.49
N LEU B 179 0.32 -11.78 -3.07
CA LEU B 179 -0.39 -12.28 -4.24
C LEU B 179 -1.83 -12.60 -3.86
N GLU B 180 -2.05 -13.31 -2.75
CA GLU B 180 -3.42 -13.65 -2.36
C GLU B 180 -4.29 -12.41 -2.29
N SER B 181 -3.74 -11.36 -1.73
CA SER B 181 -4.45 -10.12 -1.66
C SER B 181 -4.77 -9.55 -3.06
N VAL B 182 -3.81 -9.55 -3.98
CA VAL B 182 -4.08 -8.99 -5.31
C VAL B 182 -4.97 -9.90 -6.13
N LEU B 183 -4.64 -11.19 -6.15
CA LEU B 183 -5.41 -12.14 -6.96
C LEU B 183 -6.83 -12.27 -6.46
N SER B 184 -7.05 -12.10 -5.16
CA SER B 184 -8.39 -12.24 -4.60
C SER B 184 -9.19 -10.97 -4.67
N SER B 185 -8.55 -9.86 -4.93
CA SER B 185 -9.28 -8.59 -4.92
C SER B 185 -10.31 -8.46 -6.07
N LYS B 186 -11.42 -7.82 -5.76
CA LYS B 186 -12.34 -7.40 -6.79
C LYS B 186 -12.46 -5.85 -6.85
N GLY B 187 -11.51 -5.13 -6.24
CA GLY B 187 -11.56 -3.67 -6.16
C GLY B 187 -12.67 -3.17 -5.23
N GLU B 188 -12.89 -3.86 -4.12
CA GLU B 188 -13.94 -3.53 -3.18
C GLU B 188 -13.73 -2.16 -2.55
N ASN B 189 -12.48 -1.82 -2.30
CA ASN B 189 -12.11 -0.49 -1.83
C ASN B 189 -12.06 0.52 -3.00
N LEU B 190 -13.09 1.35 -3.11
CA LEU B 190 -13.27 2.23 -4.26
C LEU B 190 -12.20 3.31 -4.38
N SER B 191 -11.71 3.80 -3.25
CA SER B 191 -10.74 4.87 -3.27
C SER B 191 -9.40 4.38 -3.75
N GLU B 192 -9.03 3.17 -3.35
CA GLU B 192 -7.82 2.58 -3.87
C GLU B 192 -8.03 2.22 -5.35
N TYR B 193 -9.21 1.69 -5.69
CA TYR B 193 -9.41 1.25 -7.07
C TYR B 193 -9.27 2.42 -8.02
N LEU B 194 -9.89 3.55 -7.69
CA LEU B 194 -9.82 4.72 -8.58
C LEU B 194 -8.65 5.65 -8.30
N SER B 195 -7.81 5.30 -7.32
CA SER B 195 -6.72 6.24 -6.90
C SER B 195 -7.24 7.62 -6.53
N TYR B 196 -8.33 7.67 -5.81
CA TYR B 196 -9.03 8.92 -5.53
C TYR B 196 -9.52 8.83 -4.09
N LYS B 197 -8.89 9.64 -3.25
CA LYS B 197 -9.03 9.54 -1.81
C LYS B 197 -10.47 9.79 -1.42
N TYR B 198 -11.18 10.60 -2.22
CA TYR B 198 -12.51 11.05 -1.85
C TYR B 198 -13.62 10.27 -2.50
N ALA B 199 -13.25 9.17 -3.13
CA ALA B 199 -14.21 8.28 -3.79
C ALA B 199 -15.36 7.88 -2.89
N THR B 200 -16.59 8.05 -3.36
CA THR B 200 -17.78 7.65 -2.63
C THR B 200 -18.90 7.55 -3.61
N LYS B 201 -19.89 6.72 -3.30
CA LYS B 201 -21.16 6.65 -4.04
C LYS B 201 -22.27 7.51 -3.40
N ASP B 202 -22.01 8.04 -2.19
CA ASP B 202 -22.99 8.76 -1.39
C ASP B 202 -22.43 10.16 -0.97
N GLU B 203 -22.47 10.44 0.32
CA GLU B 203 -22.28 11.82 0.77
C GLU B 203 -20.83 12.14 0.58
N GLY B 204 -20.55 13.33 0.09
CA GLY B 204 -19.17 13.72 0.03
C GLY B 204 -18.75 14.61 1.16
N ARG B 205 -17.60 15.22 0.93
CA ARG B 205 -17.20 16.35 1.72
C ARG B 205 -18.16 17.51 1.49
N GLU B 206 -18.19 18.41 2.46
CA GLU B 206 -18.78 19.72 2.31
C GLU B 206 -17.97 20.51 1.28
N HIS B 207 -18.65 21.26 0.43
CA HIS B 207 -17.98 22.12 -0.53
C HIS B 207 -18.81 23.40 -0.72
N ARG B 208 -18.18 24.56 -0.85
CA ARG B 208 -18.91 25.75 -1.22
C ARG B 208 -19.49 25.57 -2.64
N TYR B 209 -18.74 24.95 -3.55
CA TYR B 209 -19.19 24.71 -4.92
C TYR B 209 -19.17 23.26 -5.23
N THR B 210 -20.13 22.54 -4.65
CA THR B 210 -20.25 21.11 -4.85
C THR B 210 -20.41 20.83 -6.31
N ALA B 211 -19.61 19.93 -6.85
CA ALA B 211 -19.54 19.75 -8.30
C ALA B 211 -20.91 19.44 -8.79
N SER B 212 -21.18 19.98 -9.96
CA SER B 212 -22.49 19.93 -10.53
C SER B 212 -22.39 19.82 -12.00
N THR B 213 -23.41 19.21 -12.55
CA THR B 213 -23.60 19.02 -13.98
C THR B 213 -24.39 20.16 -14.61
N GLU B 214 -24.97 21.03 -13.80
CA GLU B 214 -25.71 22.18 -14.31
C GLU B 214 -24.72 23.09 -15.00
N ASN B 215 -25.11 23.62 -16.16
CA ASN B 215 -24.26 24.48 -16.98
C ASN B 215 -23.16 23.72 -17.72
N PHE B 216 -23.41 22.46 -17.98
CA PHE B 216 -22.66 21.70 -18.94
C PHE B 216 -23.72 21.03 -19.81
N LYS B 217 -24.03 21.64 -20.95
CA LYS B 217 -25.06 21.15 -21.87
C LYS B 217 -24.82 19.68 -22.31
N ASN B 218 -23.57 19.28 -22.56
CA ASN B 218 -23.29 17.99 -23.21
C ASN B 218 -23.09 16.79 -22.30
N VAL B 219 -23.22 16.98 -21.00
CA VAL B 219 -22.88 15.92 -20.06
C VAL B 219 -23.90 14.78 -20.17
N LYS B 220 -23.43 13.53 -20.15
CA LYS B 220 -24.37 12.40 -20.27
C LYS B 220 -25.44 12.41 -19.16
N GLU B 221 -26.60 11.86 -19.52
CA GLU B 221 -27.81 11.90 -18.71
C GLU B 221 -27.59 11.22 -17.35
N LYS B 222 -26.84 10.12 -17.34
CA LYS B 222 -26.60 9.32 -16.13
C LYS B 222 -25.96 10.09 -14.95
N TYR B 223 -25.28 11.21 -15.25
CA TYR B 223 -24.64 12.03 -14.24
C TYR B 223 -25.52 13.13 -13.70
N GLN B 224 -26.71 13.35 -14.28
CA GLN B 224 -27.41 14.63 -14.05
C GLN B 224 -28.04 14.72 -12.68
N GLN B 225 -28.08 13.62 -11.96
CA GLN B 225 -28.59 13.62 -10.61
C GLN B 225 -27.50 13.31 -9.57
N MET B 226 -26.24 13.45 -9.95
CA MET B 226 -25.17 13.27 -8.99
C MET B 226 -24.50 14.58 -8.68
N ARG B 227 -23.95 14.67 -7.46
CA ARG B 227 -23.21 15.88 -7.08
C ARG B 227 -21.93 15.55 -6.34
N GLY B 228 -21.01 16.51 -6.31
CA GLY B 228 -19.88 16.47 -5.38
C GLY B 228 -18.90 15.40 -5.69
N ASP B 229 -18.30 14.89 -4.63
CA ASP B 229 -17.36 13.80 -4.77
C ASP B 229 -17.97 12.56 -5.48
N ALA B 230 -19.25 12.29 -5.27
CA ALA B 230 -19.92 11.17 -5.89
C ALA B 230 -19.96 11.40 -7.42
N LEU B 231 -20.18 12.64 -7.84
CA LEU B 231 -20.22 12.94 -9.26
C LEU B 231 -18.88 12.62 -9.84
N LYS B 232 -17.82 13.11 -9.19
CA LYS B 232 -16.49 12.91 -9.73
C LYS B 232 -16.08 11.43 -9.68
N THR B 233 -16.52 10.72 -8.64
CA THR B 233 -16.23 9.28 -8.51
C THR B 233 -16.77 8.50 -9.71
N GLU B 234 -18.03 8.76 -10.03
CA GLU B 234 -18.65 8.11 -11.18
C GLU B 234 -17.94 8.48 -12.51
N ILE B 235 -17.61 9.75 -12.72
CA ILE B 235 -16.89 10.16 -13.94
C ILE B 235 -15.56 9.42 -14.02
N LEU B 236 -14.82 9.36 -12.92
CA LEU B 236 -13.54 8.68 -12.92
C LEU B 236 -13.67 7.19 -13.22
N ALA B 237 -14.71 6.56 -12.67
CA ALA B 237 -14.99 5.15 -12.87
C ALA B 237 -15.16 4.89 -14.35
N ASP B 238 -16.03 5.65 -14.99
CA ASP B 238 -16.23 5.48 -16.43
C ASP B 238 -15.00 5.84 -17.28
N PHE B 239 -14.23 6.84 -16.87
CA PHE B 239 -12.95 7.15 -17.53
C PHE B 239 -11.99 5.99 -17.43
N LYS B 240 -11.90 5.38 -16.24
CA LYS B 240 -10.98 4.21 -16.06
C LYS B 240 -11.30 3.11 -17.06
N ASP B 241 -12.61 2.85 -17.20
CA ASP B 241 -13.15 1.84 -18.14
C ASP B 241 -12.83 2.17 -19.59
N LYS B 242 -13.01 3.43 -19.97
CA LYS B 242 -12.68 3.86 -21.30
C LYS B 242 -11.16 3.78 -21.52
N LEU B 243 -10.36 4.18 -20.54
CA LEU B 243 -8.91 4.07 -20.70
C LEU B 243 -8.49 2.62 -20.93
N ALA B 244 -9.22 1.68 -20.33
CA ALA B 244 -8.90 0.26 -20.44
C ALA B 244 -9.07 -0.32 -21.87
N GLU B 245 -9.77 0.40 -22.76
CA GLU B 245 -9.90 -0.04 -24.15
C GLU B 245 -8.62 0.18 -24.96
N ALA B 246 -7.69 0.95 -24.42
CA ALA B 246 -6.45 1.19 -25.13
C ALA B 246 -5.69 -0.13 -25.34
N THR B 247 -5.09 -0.29 -26.50
CA THR B 247 -4.33 -1.50 -26.84
C THR B 247 -2.87 -1.15 -27.08
N ASP B 248 -2.60 0.04 -27.58
CA ASP B 248 -1.22 0.54 -27.75
C ASP B 248 -1.11 2.04 -27.42
N GLU B 249 0.11 2.56 -27.48
CA GLU B 249 0.40 3.97 -27.22
C GLU B 249 -0.45 4.94 -28.06
N GLN B 250 -0.63 4.66 -29.35
CA GLN B 250 -1.39 5.56 -30.23
C GLN B 250 -2.85 5.60 -29.81
N SER B 251 -3.39 4.45 -29.47
CA SER B 251 -4.76 4.24 -28.98
C SER B 251 -5.07 4.98 -27.67
N LEU B 252 -4.08 4.99 -26.79
CA LEU B 252 -4.24 5.59 -25.49
C LEU B 252 -4.29 7.10 -25.63
N LYS B 253 -3.43 7.63 -26.50
CA LYS B 253 -3.34 9.07 -26.76
C LYS B 253 -4.64 9.58 -27.34
N GLN B 254 -5.22 8.83 -28.27
CA GLN B 254 -6.55 9.15 -28.80
C GLN B 254 -7.64 9.14 -27.72
N ILE B 255 -7.68 8.11 -26.87
CA ILE B 255 -8.73 8.01 -25.85
C ILE B 255 -8.61 9.15 -24.87
N VAL B 256 -7.38 9.44 -24.43
CA VAL B 256 -7.10 10.54 -23.51
C VAL B 256 -7.56 11.87 -24.08
N ALA B 257 -7.36 12.08 -25.38
CA ALA B 257 -7.75 13.37 -26.03
C ALA B 257 -9.25 13.52 -26.10
N GLU B 258 -9.95 12.40 -26.36
CA GLU B 258 -11.40 12.34 -26.40
C GLU B 258 -11.97 12.63 -25.03
N LEU B 259 -11.50 11.94 -24.00
CA LEU B 259 -12.00 12.17 -22.63
C LEU B 259 -11.72 13.62 -22.16
N LYS B 260 -10.52 14.15 -22.39
CA LYS B 260 -10.17 15.53 -21.99
C LYS B 260 -10.95 16.60 -22.73
N SER B 261 -11.57 16.26 -23.84
CA SER B 261 -12.44 17.19 -24.57
C SER B 261 -13.88 17.21 -24.02
N LYS B 262 -14.24 16.28 -23.13
CA LYS B 262 -15.63 16.09 -22.70
C LYS B 262 -15.97 17.04 -21.54
N ASP B 263 -17.25 17.37 -21.42
CA ASP B 263 -17.65 18.19 -20.30
C ASP B 263 -17.36 17.53 -18.93
N GLU B 264 -17.53 16.22 -18.89
CA GLU B 264 -17.23 15.46 -17.71
C GLU B 264 -15.79 15.75 -17.22
N TYR B 265 -14.83 15.88 -18.14
CA TYR B 265 -13.47 16.22 -17.76
C TYR B 265 -13.40 17.60 -17.15
N ARG B 266 -14.17 18.55 -17.67
CA ARG B 266 -14.12 19.90 -17.11
C ARG B 266 -14.69 19.88 -15.70
N ILE B 267 -15.66 18.99 -15.43
CA ILE B 267 -16.20 18.84 -14.07
C ILE B 267 -15.09 18.38 -13.11
N LEU B 268 -14.35 17.37 -13.54
CA LEU B 268 -13.21 16.91 -12.77
C LEU B 268 -12.22 18.08 -12.49
N ALA B 269 -11.93 18.85 -13.53
CA ALA B 269 -10.89 19.91 -13.41
C ALA B 269 -11.36 21.14 -12.63
N LYS B 270 -12.67 21.28 -12.41
CA LYS B 270 -13.21 22.42 -11.66
C LYS B 270 -13.21 22.17 -10.14
N GLY B 271 -12.55 23.06 -9.43
CA GLY B 271 -12.44 23.01 -8.00
C GLY B 271 -13.79 23.15 -7.35
N GLN B 272 -13.91 22.61 -6.13
CA GLN B 272 -15.17 22.63 -5.41
C GLN B 272 -15.21 23.61 -4.24
N GLY B 273 -14.14 24.36 -4.06
CA GLY B 273 -14.07 25.41 -3.01
C GLY B 273 -13.37 26.64 -3.55
N LEU B 274 -13.58 27.79 -2.92
CA LEU B 274 -13.03 29.04 -3.47
C LEU B 274 -11.53 29.14 -3.27
N THR B 275 -11.08 28.83 -2.05
CA THR B 275 -9.65 28.85 -1.76
C THR B 275 -8.96 27.91 -2.73
N THR B 276 -9.52 26.71 -2.95
CA THR B 276 -8.92 25.74 -3.85
C THR B 276 -8.79 26.27 -5.27
N GLN B 277 -9.84 26.84 -5.81
CA GLN B 277 -9.80 27.36 -7.17
C GLN B 277 -8.75 28.46 -7.37
N LEU B 278 -8.51 29.25 -6.32
CA LEU B 278 -7.53 30.34 -6.34
C LEU B 278 -6.09 29.82 -6.23
N LEU B 279 -5.90 28.59 -5.78
CA LEU B 279 -4.54 28.08 -5.64
C LEU B 279 -3.92 27.69 -6.99
N GLY B 280 -4.75 27.24 -7.93
CA GLY B 280 -4.26 26.97 -9.26
C GLY B 280 -3.52 25.66 -9.42
N LEU B 281 -3.91 24.66 -8.64
CA LEU B 281 -3.29 23.33 -8.70
C LEU B 281 -4.27 22.36 -9.32
N LYS B 282 -3.78 21.25 -9.88
CA LYS B 282 -4.67 20.21 -10.36
C LYS B 282 -5.62 19.79 -9.23
N THR B 283 -6.87 19.50 -9.58
CA THR B 283 -7.79 18.93 -8.63
C THR B 283 -7.35 17.52 -8.24
N SER B 284 -7.86 16.98 -7.14
CA SER B 284 -7.56 15.58 -6.84
C SER B 284 -8.04 14.62 -7.92
N SER B 285 -9.23 14.83 -8.44
CA SER B 285 -9.76 13.94 -9.47
C SER B 285 -8.97 13.98 -10.75
N VAL B 286 -8.43 15.13 -11.12
CA VAL B 286 -7.60 15.20 -12.34
C VAL B 286 -6.30 14.41 -12.09
N SER B 287 -5.74 14.55 -10.89
CA SER B 287 -4.57 13.79 -10.51
C SER B 287 -4.84 12.30 -10.58
N SER B 288 -6.00 11.88 -10.07
CA SER B 288 -6.38 10.48 -10.21
C SER B 288 -6.45 10.06 -11.69
N PHE B 289 -7.07 10.89 -12.52
CA PHE B 289 -7.14 10.60 -13.94
C PHE B 289 -5.75 10.42 -14.51
N GLU B 290 -4.81 11.29 -14.13
CA GLU B 290 -3.44 11.19 -14.69
C GLU B 290 -2.72 9.91 -14.21
N LYS B 291 -3.00 9.47 -12.99
CA LYS B 291 -2.46 8.23 -12.51
C LYS B 291 -3.04 7.03 -13.28
N MET B 292 -4.35 7.06 -13.56
CA MET B 292 -4.95 6.02 -14.39
C MET B 292 -4.37 5.95 -15.81
N VAL B 293 -4.01 7.11 -16.39
CA VAL B 293 -3.42 7.15 -17.72
C VAL B 293 -2.05 6.43 -17.60
N GLU B 294 -1.25 6.79 -16.57
CA GLU B 294 0.03 6.11 -16.32
C GLU B 294 -0.12 4.64 -15.97
N GLU B 295 -1.11 4.28 -15.19
CA GLU B 295 -1.34 2.88 -14.93
C GLU B 295 -1.63 2.19 -16.28
N THR B 296 -2.45 2.80 -17.15
CA THR B 296 -2.85 2.11 -18.37
C THR B 296 -1.66 1.97 -19.30
N ARG B 297 -0.82 3.01 -19.36
CA ARG B 297 0.37 3.01 -20.18
C ARG B 297 1.31 1.89 -19.75
N GLU B 298 1.53 1.77 -18.44
CA GLU B 298 2.35 0.70 -17.87
C GLU B 298 1.79 -0.71 -18.20
N SER B 299 0.47 -0.89 -18.08
CA SER B 299 -0.19 -2.22 -18.23
C SER B 299 -0.24 -2.78 -19.67
N ILE B 300 0.47 -2.11 -20.59
CA ILE B 300 0.48 -2.42 -22.03
C ILE B 300 1.74 -3.24 -22.42
N LYS B 301 2.92 -2.74 -22.02
CA LYS B 301 4.21 -3.39 -22.36
C LYS B 301 4.17 -4.93 -22.44
S SO4 C . 30.21 3.76 4.73
O1 SO4 C . 30.62 5.03 4.12
O2 SO4 C . 31.26 2.75 4.79
O3 SO4 C . 29.77 4.09 6.09
O4 SO4 C . 29.12 3.33 3.86
S SO4 D . -8.41 -3.07 30.32
O1 SO4 D . -7.01 -2.80 30.01
O2 SO4 D . -8.99 -3.76 29.19
O3 SO4 D . -8.40 -3.90 31.50
O4 SO4 D . -9.17 -1.87 30.60
S SO4 E . 34.66 2.65 -1.04
O1 SO4 E . 35.41 3.27 -2.12
O2 SO4 E . 35.11 1.25 -0.71
O3 SO4 E . 34.82 3.55 0.13
O4 SO4 E . 33.25 2.61 -1.47
S SO4 F . -24.51 7.81 35.92
O1 SO4 F . -23.96 9.18 36.13
O2 SO4 F . -23.43 6.83 36.16
O3 SO4 F . -25.57 7.65 36.96
O4 SO4 F . -25.10 7.62 34.57
S SO4 G . -11.57 17.21 -6.38
O1 SO4 G . -11.28 16.64 -7.69
O2 SO4 G . -11.96 16.09 -5.49
O3 SO4 G . -10.35 17.80 -5.82
O4 SO4 G . -12.67 18.19 -6.51
S SO4 H . -14.98 -23.49 -28.89
O1 SO4 H . -13.79 -24.04 -29.56
O2 SO4 H . -16.01 -23.60 -29.90
O3 SO4 H . -15.22 -24.34 -27.73
O4 SO4 H . -14.78 -22.08 -28.49
S SO4 I . -12.66 22.20 -1.02
O1 SO4 I . -11.97 22.49 -2.32
O2 SO4 I . -12.44 20.75 -0.82
O3 SO4 I . -12.13 22.90 0.19
O4 SO4 I . -14.12 22.52 -1.21
S SO4 J . -2.54 -38.58 -34.51
O1 SO4 J . -1.35 -37.80 -34.93
O2 SO4 J . -2.92 -39.53 -35.59
O3 SO4 J . -2.21 -39.33 -33.26
O4 SO4 J . -3.67 -37.61 -34.35
#